data_4FOJ
#
_entry.id   4FOJ
#
_cell.length_a   66.142
_cell.length_b   84.771
_cell.length_c   46.992
_cell.angle_alpha   90.00
_cell.angle_beta   90.00
_cell.angle_gamma   90.00
#
_symmetry.space_group_name_H-M   'P 21 21 2'
#
loop_
_entity.id
_entity.type
_entity.pdbx_description
1 polymer FimX
2 non-polymer "9,9'-[(2R,3R,3aS,5S,7aR,9R,10R,10aS,12S,14aR)-3,5,10,12-tetrahydroxy-5,12-dioxidooctahydro-2H,7H-difuro[3,2-d:3',2'-j][1,3,7,9,2,8]tetraoxadiphosphacyclododecine-2,9-diyl]bis(2-amino-1,9-dihydro-6H-purin-6-one)"
3 water water
#
_entity_poly.entity_id   1
_entity_poly.type   'polypeptide(L)'
_entity_poly.pdbx_seq_one_letter_code
;VSIYDPAAADRAEEERIERWVEQLREALVGDGFLLHYQPVLNLQGEPLELYQAFLRLERNGEMMSPNAFMAIAEEHDLVT
EIDRWVVARAIRQLGERQRAGHKTHLLVRIGPNSFSDPQMIDTIREQLAVYGVPGERLWLQTPESKVFTHLRNAQQFLAA
VSAMDCKVGLEQFGSGLDSFQLLAHFHPAFLKLDRGITGDIASARDSQEKIREITSRAQPAGILTMAEFVADAQSMSSFF
SAGVDYVQGDFVAPTGPLMNYEFG
;
_entity_poly.pdbx_strand_id   A
#
loop_
_chem_comp.id
_chem_comp.type
_chem_comp.name
_chem_comp.formula
C2E non-polymer 9,9'-[(2R,3R,3aS,5S,7aR,9R,10R,10aS,12S,14aR)-3,5,10,12-tetrahydroxy-5,12-dioxidooctahydro-2H,7H-difuro[3,2-d:3',2'-j][1,3,7,9,2,8]tetraoxadiphosphacyclododecine-2,9-diyl]bis(2-amino-1,9-dihydro-6H-purin-6-one) 'C20 H24 N10 O14 P2'
#
# COMPACT_ATOMS: atom_id res chain seq x y z
N ASP A 10 34.70 12.99 3.03
CA ASP A 10 33.49 12.13 3.17
C ASP A 10 33.19 11.79 4.64
N ARG A 11 33.82 12.52 5.56
CA ARG A 11 33.55 12.37 6.99
C ARG A 11 32.27 13.12 7.36
N ALA A 12 32.16 14.36 6.87
CA ALA A 12 30.96 15.19 7.01
C ALA A 12 29.69 14.46 6.52
N GLU A 13 29.80 13.82 5.37
CA GLU A 13 28.70 13.08 4.75
C GLU A 13 28.29 11.89 5.62
N GLU A 14 29.25 11.03 5.96
CA GLU A 14 28.96 9.87 6.81
C GLU A 14 28.35 10.31 8.14
N GLU A 15 28.80 11.45 8.67
CA GLU A 15 28.21 12.01 9.89
C GLU A 15 26.74 12.40 9.66
N ARG A 16 26.43 12.90 8.47
CA ARG A 16 25.06 13.24 8.07
C ARG A 16 24.19 11.98 8.01
N ILE A 17 24.73 10.94 7.37
CA ILE A 17 24.07 9.66 7.23
C ILE A 17 23.82 9.07 8.62
N GLU A 18 24.86 9.06 9.44
CA GLU A 18 24.77 8.59 10.86
C GLU A 18 23.67 9.26 11.66
N ARG A 19 23.54 10.58 11.53
CA ARG A 19 22.52 11.27 12.30
C ARG A 19 21.11 10.92 11.78
N TRP A 20 20.92 10.73 10.47
CA TRP A 20 19.62 10.27 9.96
C TRP A 20 19.31 8.89 10.48
N VAL A 21 20.30 8.00 10.46
CA VAL A 21 20.06 6.66 10.97
C VAL A 21 19.65 6.74 12.46
N GLU A 22 20.36 7.56 13.23
CA GLU A 22 20.06 7.69 14.66
C GLU A 22 18.64 8.23 14.84
N GLN A 23 18.31 9.24 14.05
CA GLN A 23 16.97 9.84 14.08
C GLN A 23 15.86 8.85 13.75
N LEU A 24 16.09 7.96 12.76
CA LEU A 24 15.10 6.95 12.40
C LEU A 24 14.92 5.95 13.55
N ARG A 25 16.04 5.55 14.18
CA ARG A 25 15.98 4.70 15.38
C ARG A 25 15.21 5.36 16.51
N GLU A 26 15.42 6.65 16.72
CA GLU A 26 14.70 7.40 17.77
C GLU A 26 13.21 7.52 17.43
N ALA A 27 12.88 7.71 16.14
CA ALA A 27 11.50 7.74 15.71
C ALA A 27 10.78 6.42 15.94
N LEU A 28 11.46 5.28 15.76
CA LEU A 28 10.86 3.96 16.04
C LEU A 28 10.56 3.79 17.52
N VAL A 29 11.49 4.20 18.37
CA VAL A 29 11.32 4.01 19.81
C VAL A 29 10.30 4.98 20.35
N GLY A 30 10.34 6.21 19.85
CA GLY A 30 9.60 7.33 20.45
C GLY A 30 8.37 7.82 19.72
N ASP A 31 7.80 7.04 18.81
N ASP A 31 7.89 6.95 18.83
CA ASP A 31 6.57 7.46 18.14
CA ASP A 31 6.78 7.19 17.91
CA ASP A 31 6.62 6.85 17.98
C ASP A 31 6.77 8.72 17.29
C ASP A 31 6.79 8.59 17.29
N GLY A 32 7.92 8.87 16.64
CA GLY A 32 8.14 10.06 15.84
C GLY A 32 7.59 9.95 14.44
N PHE A 33 7.20 8.75 14.02
CA PHE A 33 6.50 8.59 12.76
C PHE A 33 5.04 8.84 12.99
N LEU A 34 4.33 9.13 11.90
CA LEU A 34 2.91 9.13 11.89
C LEU A 34 2.38 8.81 10.50
N LEU A 35 1.11 8.53 10.41
CA LEU A 35 0.48 8.26 9.14
C LEU A 35 -0.45 9.37 8.68
N HIS A 36 -0.42 9.61 7.36
CA HIS A 36 -1.43 10.38 6.68
C HIS A 36 -2.17 9.40 5.76
N TYR A 37 -3.31 9.85 5.23
CA TYR A 37 -4.30 8.98 4.60
C TYR A 37 -4.82 9.58 3.32
N GLN A 38 -4.87 8.77 2.27
CA GLN A 38 -5.49 9.20 1.01
C GLN A 38 -6.72 8.31 0.72
N PRO A 39 -7.90 8.92 0.53
CA PRO A 39 -9.05 8.16 0.14
C PRO A 39 -8.86 7.41 -1.16
N VAL A 40 -9.45 6.22 -1.22
CA VAL A 40 -9.48 5.41 -2.43
C VAL A 40 -10.95 5.16 -2.76
N LEU A 41 -11.38 5.62 -3.94
CA LEU A 41 -12.80 5.68 -4.28
C LEU A 41 -13.18 4.56 -5.21
N ASN A 42 -14.30 3.91 -4.92
CA ASN A 42 -14.86 2.92 -5.83
CA ASN A 42 -14.86 2.92 -5.83
C ASN A 42 -15.45 3.56 -7.09
N LEU A 43 -15.10 3.00 -8.23
CA LEU A 43 -15.73 3.27 -9.53
C LEU A 43 -16.64 2.04 -9.63
N GLN A 44 -16.04 0.85 -9.46
CA GLN A 44 -16.80 -0.40 -9.21
C GLN A 44 -15.93 -1.53 -8.61
N PRO A 47 -18.53 0.09 -3.26
CA PRO A 47 -18.15 1.13 -2.33
C PRO A 47 -17.74 0.64 -0.95
N LEU A 48 -16.94 1.47 -0.31
CA LEU A 48 -16.16 1.03 0.80
C LEU A 48 -15.43 2.23 1.40
N GLU A 49 -15.35 2.33 2.72
CA GLU A 49 -14.52 3.36 3.32
C GLU A 49 -13.10 2.82 3.31
N LEU A 50 -12.27 3.30 2.40
CA LEU A 50 -10.92 2.78 2.17
C LEU A 50 -9.99 3.97 2.00
N TYR A 51 -8.88 3.95 2.74
CA TYR A 51 -7.79 4.89 2.62
C TYR A 51 -6.48 4.14 2.45
N GLN A 52 -5.52 4.79 1.81
CA GLN A 52 -4.14 4.30 1.78
C GLN A 52 -3.32 5.10 2.80
N ALA A 53 -2.53 4.39 3.61
CA ALA A 53 -1.64 5.00 4.55
C ALA A 53 -0.35 5.45 3.86
N PHE A 54 0.11 6.65 4.21
CA PHE A 54 1.40 7.21 3.80
C PHE A 54 2.19 7.61 5.03
N LEU A 55 3.47 7.35 5.01
CA LEU A 55 4.31 7.55 6.18
C LEU A 55 4.83 8.96 6.22
N ARG A 56 4.87 9.53 7.42
CA ARG A 56 5.54 10.81 7.69
C ARG A 56 6.44 10.66 8.89
N LEU A 57 7.43 11.56 8.98
CA LEU A 57 8.36 11.61 10.12
C LEU A 57 8.30 13.04 10.69
N GLU A 58 7.94 13.19 11.96
CA GLU A 58 7.90 14.54 12.56
C GLU A 58 9.27 14.83 13.17
N ARG A 59 10.06 15.65 12.46
CA ARG A 59 11.46 15.92 12.80
C ARG A 59 11.54 17.44 13.04
N ASN A 60 11.51 17.82 14.33
CA ASN A 60 11.77 19.22 14.70
CA ASN A 60 11.67 19.23 14.79
C ASN A 60 10.92 20.26 13.95
N GLY A 61 9.60 20.10 13.93
CA GLY A 61 8.69 21.02 13.27
C GLY A 61 8.44 20.84 11.79
N GLU A 62 8.99 19.78 11.21
CA GLU A 62 8.72 19.48 9.82
C GLU A 62 8.06 18.13 9.77
N MET A 63 7.08 18.05 8.89
CA MET A 63 6.34 16.86 8.59
C MET A 63 7.05 16.21 7.37
N MET A 64 8.08 15.43 7.63
CA MET A 64 8.97 14.97 6.56
CA MET A 64 8.93 15.02 6.53
C MET A 64 8.38 13.82 5.76
N SER A 65 8.54 13.88 4.45
CA SER A 65 8.21 12.80 3.48
C SER A 65 9.29 11.74 3.52
N PRO A 66 8.96 10.48 3.20
CA PRO A 66 10.01 9.46 3.01
C PRO A 66 11.05 9.71 1.89
N ASN A 67 10.72 10.62 0.96
CA ASN A 67 11.75 11.05 0.03
C ASN A 67 12.97 11.57 0.78
N ALA A 68 12.80 12.09 1.99
CA ALA A 68 13.95 12.56 2.77
C ALA A 68 14.86 11.44 3.24
N PHE A 69 14.27 10.31 3.62
CA PHE A 69 15.01 9.33 4.42
C PHE A 69 14.98 7.88 3.99
N MET A 70 14.18 7.52 2.98
CA MET A 70 14.00 6.11 2.70
C MET A 70 15.26 5.50 2.13
N ALA A 71 16.06 6.28 1.40
CA ALA A 71 17.28 5.72 0.83
C ALA A 71 18.26 5.32 1.91
N ILE A 72 18.38 6.14 2.94
CA ILE A 72 19.21 5.83 4.10
C ILE A 72 18.62 4.63 4.84
N ALA A 73 17.28 4.59 4.98
CA ALA A 73 16.63 3.47 5.67
C ALA A 73 16.94 2.14 4.98
N GLU A 74 16.88 2.14 3.64
CA GLU A 74 17.16 0.92 2.88
CA GLU A 74 17.19 0.96 2.81
C GLU A 74 18.63 0.52 3.00
N GLU A 75 19.55 1.48 2.89
CA GLU A 75 21.03 1.23 3.01
C GLU A 75 21.35 0.63 4.39
N HIS A 76 20.62 1.02 5.43
CA HIS A 76 20.93 0.64 6.81
C HIS A 76 19.92 -0.37 7.39
N ASP A 77 19.26 -1.07 6.47
CA ASP A 77 18.39 -2.19 6.79
CA ASP A 77 18.39 -2.20 6.80
C ASP A 77 17.36 -1.84 7.88
N LEU A 78 16.71 -0.67 7.71
CA LEU A 78 15.69 -0.21 8.65
C LEU A 78 14.27 -0.34 8.08
N VAL A 79 14.16 -0.66 6.80
CA VAL A 79 12.84 -0.73 6.15
C VAL A 79 11.94 -1.80 6.73
N THR A 80 12.52 -2.95 7.08
N THR A 80 12.48 -2.96 7.09
CA THR A 80 11.76 -4.04 7.68
CA THR A 80 11.61 -4.01 7.63
C THR A 80 11.02 -3.55 8.92
C THR A 80 10.99 -3.56 8.95
N GLU A 81 11.75 -2.85 9.79
CA GLU A 81 11.22 -2.36 11.03
C GLU A 81 10.23 -1.19 10.81
N ILE A 82 10.52 -0.31 9.85
CA ILE A 82 9.64 0.78 9.54
C ILE A 82 8.29 0.24 9.01
N ASP A 83 8.31 -0.74 8.12
CA ASP A 83 7.04 -1.32 7.64
C ASP A 83 6.26 -1.99 8.76
N ARG A 84 6.94 -2.66 9.69
CA ARG A 84 6.23 -3.22 10.85
C ARG A 84 5.59 -2.10 11.68
N TRP A 85 6.29 -0.97 11.85
CA TRP A 85 5.75 0.18 12.57
C TRP A 85 4.45 0.67 11.89
N VAL A 86 4.52 0.83 10.57
CA VAL A 86 3.37 1.31 9.81
C VAL A 86 2.18 0.37 9.94
N VAL A 87 2.43 -0.93 9.80
CA VAL A 87 1.34 -1.90 9.87
C VAL A 87 0.71 -1.89 11.28
N ALA A 88 1.56 -1.86 12.31
CA ALA A 88 1.04 -1.78 13.68
C ALA A 88 0.22 -0.53 13.91
N ARG A 89 0.72 0.63 13.44
CA ARG A 89 0.01 1.89 13.58
CA ARG A 89 -0.03 1.88 13.61
C ARG A 89 -1.31 1.87 12.80
N ALA A 90 -1.27 1.32 11.59
CA ALA A 90 -2.46 1.22 10.79
C ALA A 90 -3.56 0.38 11.50
N ILE A 91 -3.16 -0.74 12.11
CA ILE A 91 -4.15 -1.59 12.79
C ILE A 91 -4.73 -0.87 14.00
N ARG A 92 -3.89 -0.14 14.74
CA ARG A 92 -4.41 0.72 15.81
C ARG A 92 -5.45 1.71 15.28
N GLN A 93 -5.14 2.38 14.17
CA GLN A 93 -6.11 3.24 13.54
C GLN A 93 -7.41 2.56 13.18
N LEU A 94 -7.33 1.37 12.56
CA LEU A 94 -8.53 0.62 12.23
C LEU A 94 -9.36 0.34 13.48
N GLY A 95 -8.65 0.01 14.56
CA GLY A 95 -9.29 -0.30 15.85
C GLY A 95 -10.00 0.88 16.48
N GLU A 96 -9.33 2.02 16.51
CA GLU A 96 -9.92 3.25 17.02
C GLU A 96 -11.09 3.70 16.16
N ARG A 97 -10.95 3.59 14.85
CA ARG A 97 -12.05 3.95 13.95
C ARG A 97 -13.28 3.06 14.15
N GLN A 98 -13.06 1.76 14.30
CA GLN A 98 -14.14 0.81 14.51
C GLN A 98 -14.89 1.15 15.80
N ARG A 99 -14.13 1.47 16.83
CA ARG A 99 -14.71 1.79 18.16
C ARG A 99 -15.54 3.06 18.09
N ALA A 100 -15.13 3.98 17.20
CA ALA A 100 -15.81 5.25 16.96
C ALA A 100 -16.99 5.14 15.99
N GLY A 101 -17.34 3.94 15.57
CA GLY A 101 -18.45 3.67 14.66
C GLY A 101 -18.17 3.67 13.16
N HIS A 102 -16.90 3.58 12.77
CA HIS A 102 -16.51 3.68 11.34
C HIS A 102 -15.93 2.36 10.82
N LYS A 103 -16.45 1.89 9.68
CA LYS A 103 -16.02 0.63 9.08
C LYS A 103 -14.84 0.87 8.13
N THR A 104 -13.77 1.38 8.71
CA THR A 104 -12.62 1.86 7.94
C THR A 104 -11.75 0.67 7.52
N HIS A 105 -11.31 0.74 6.27
CA HIS A 105 -10.30 -0.15 5.68
C HIS A 105 -9.05 0.65 5.38
N LEU A 106 -7.90 0.02 5.58
CA LEU A 106 -6.64 0.66 5.22
C LEU A 106 -5.83 -0.20 4.32
N LEU A 107 -5.23 0.47 3.36
CA LEU A 107 -4.28 -0.11 2.43
C LEU A 107 -2.90 0.35 2.88
N VAL A 108 -2.03 -0.62 3.14
CA VAL A 108 -0.71 -0.41 3.72
CA VAL A 108 -0.70 -0.39 3.71
C VAL A 108 0.37 -1.08 2.88
N ARG A 109 1.49 -0.41 2.74
CA ARG A 109 2.65 -0.89 1.99
C ARG A 109 3.53 -1.79 2.84
N ILE A 110 3.95 -2.93 2.27
CA ILE A 110 5.07 -3.70 2.82
C ILE A 110 6.04 -4.05 1.67
N GLY A 111 7.31 -4.16 2.02
CA GLY A 111 8.31 -4.54 1.03
C GLY A 111 8.69 -5.99 1.15
N PRO A 112 9.55 -6.46 0.24
CA PRO A 112 9.81 -7.89 0.17
C PRO A 112 10.50 -8.49 1.42
N ASN A 113 11.23 -7.66 2.16
CA ASN A 113 11.90 -8.16 3.37
C ASN A 113 10.85 -8.53 4.40
N SER A 114 9.65 -7.99 4.28
CA SER A 114 8.57 -8.34 5.21
C SER A 114 7.98 -9.72 4.94
N PHE A 115 8.19 -10.27 3.74
CA PHE A 115 7.51 -11.48 3.34
C PHE A 115 7.91 -12.66 4.22
N SER A 116 9.18 -12.64 4.65
CA SER A 116 9.82 -13.66 5.47
CA SER A 116 9.66 -13.69 5.54
C SER A 116 10.11 -13.18 6.89
N ASP A 117 9.54 -12.05 7.30
CA ASP A 117 9.79 -11.49 8.62
C ASP A 117 8.76 -12.02 9.61
N PRO A 118 9.17 -12.93 10.53
CA PRO A 118 8.16 -13.47 11.43
C PRO A 118 7.49 -12.41 12.28
N GLN A 119 8.20 -11.31 12.58
CA GLN A 119 7.67 -10.25 13.41
CA GLN A 119 7.66 -10.27 13.42
C GLN A 119 6.55 -9.48 12.70
N MET A 120 6.59 -9.49 11.36
CA MET A 120 5.48 -8.84 10.64
C MET A 120 4.21 -9.63 10.74
N ILE A 121 4.28 -10.95 10.51
CA ILE A 121 3.11 -11.79 10.70
C ILE A 121 2.63 -11.72 12.16
N ASP A 122 3.57 -11.71 13.12
CA ASP A 122 3.18 -11.61 14.53
C ASP A 122 2.42 -10.32 14.83
N THR A 123 2.92 -9.21 14.28
CA THR A 123 2.32 -7.91 14.46
C THR A 123 0.89 -7.91 13.91
N ILE A 124 0.70 -8.45 12.70
CA ILE A 124 -0.62 -8.51 12.09
C ILE A 124 -1.57 -9.37 12.94
N ARG A 125 -1.13 -10.59 13.24
CA ARG A 125 -1.96 -11.50 14.01
C ARG A 125 -2.35 -10.95 15.37
N GLU A 126 -1.37 -10.38 16.06
CA GLU A 126 -1.59 -9.93 17.45
C GLU A 126 -2.35 -8.61 17.54
N GLN A 127 -2.04 -7.66 16.65
CA GLN A 127 -2.67 -6.34 16.72
C GLN A 127 -4.09 -6.37 16.20
N LEU A 128 -4.38 -7.18 15.19
CA LEU A 128 -5.78 -7.34 14.76
C LEU A 128 -6.57 -7.85 15.92
N ALA A 129 -6.01 -8.83 16.62
CA ALA A 129 -6.74 -9.47 17.72
C ALA A 129 -6.98 -8.53 18.87
N VAL A 130 -5.96 -7.80 19.29
CA VAL A 130 -6.09 -6.97 20.47
C VAL A 130 -7.05 -5.81 20.27
N TYR A 131 -7.11 -5.31 19.02
CA TYR A 131 -8.09 -4.26 18.67
C TYR A 131 -9.44 -4.80 18.18
N GLY A 132 -9.57 -6.11 18.05
CA GLY A 132 -10.83 -6.72 17.61
C GLY A 132 -11.21 -6.32 16.21
N VAL A 133 -10.20 -6.13 15.36
CA VAL A 133 -10.39 -5.73 13.97
C VAL A 133 -10.39 -6.97 13.05
N PRO A 134 -11.44 -7.16 12.27
CA PRO A 134 -11.47 -8.27 11.35
C PRO A 134 -10.41 -8.10 10.29
N GLY A 135 -9.78 -9.18 9.90
CA GLY A 135 -8.68 -9.10 8.96
C GLY A 135 -9.03 -8.41 7.64
N GLU A 136 -10.27 -8.56 7.19
CA GLU A 136 -10.79 -7.94 5.95
CA GLU A 136 -10.66 -7.96 5.90
C GLU A 136 -10.54 -6.43 5.89
N ARG A 137 -10.37 -5.81 7.03
CA ARG A 137 -10.19 -4.35 7.06
C ARG A 137 -8.79 -3.95 6.64
N LEU A 138 -7.86 -4.90 6.59
CA LEU A 138 -6.45 -4.60 6.31
C LEU A 138 -6.05 -5.11 4.96
N TRP A 139 -5.65 -4.19 4.07
CA TRP A 139 -5.19 -4.58 2.75
C TRP A 139 -3.71 -4.27 2.68
N LEU A 140 -2.90 -5.18 2.19
CA LEU A 140 -1.46 -5.02 2.16
CA LEU A 140 -1.46 -4.99 2.15
C LEU A 140 -0.99 -5.06 0.72
N GLN A 141 -0.19 -4.09 0.29
CA GLN A 141 0.27 -4.02 -1.10
C GLN A 141 1.77 -3.99 -1.17
N THR A 142 2.30 -4.64 -2.20
CA THR A 142 3.70 -4.71 -2.43
C THR A 142 3.92 -4.58 -3.95
N PRO A 143 5.07 -4.03 -4.39
CA PRO A 143 5.24 -3.87 -5.83
C PRO A 143 5.38 -5.19 -6.55
N GLU A 144 4.75 -5.33 -7.71
CA GLU A 144 4.88 -6.53 -8.50
C GLU A 144 6.34 -6.93 -8.74
N SER A 145 7.19 -5.93 -9.00
CA SER A 145 8.61 -6.19 -9.30
C SER A 145 9.29 -7.00 -8.21
N LYS A 146 8.88 -6.77 -6.96
CA LYS A 146 9.46 -7.46 -5.80
C LYS A 146 8.91 -8.85 -5.60
N VAL A 147 7.68 -9.12 -6.04
CA VAL A 147 7.14 -10.45 -6.03
C VAL A 147 7.84 -11.33 -7.08
N PHE A 148 8.13 -10.78 -8.26
CA PHE A 148 8.82 -11.53 -9.28
C PHE A 148 10.10 -12.16 -8.75
N THR A 149 10.85 -11.38 -7.97
CA THR A 149 12.19 -11.74 -7.51
C THR A 149 12.20 -12.44 -6.15
N HIS A 150 11.06 -12.46 -5.46
CA HIS A 150 10.92 -13.14 -4.16
C HIS A 150 9.62 -13.96 -4.13
N LEU A 151 9.38 -14.75 -5.17
CA LEU A 151 8.09 -15.42 -5.37
C LEU A 151 7.74 -16.38 -4.26
N ARG A 152 8.66 -17.28 -3.89
CA ARG A 152 8.40 -18.27 -2.84
CA ARG A 152 8.32 -18.27 -2.85
C ARG A 152 7.97 -17.58 -1.54
N ASN A 153 8.74 -16.58 -1.13
CA ASN A 153 8.48 -15.91 0.13
C ASN A 153 7.18 -15.12 0.05
N ALA A 154 6.95 -14.51 -1.12
CA ALA A 154 5.67 -13.83 -1.36
C ALA A 154 4.48 -14.78 -1.24
N GLN A 155 4.58 -15.97 -1.83
CA GLN A 155 3.51 -16.99 -1.71
C GLN A 155 3.25 -17.38 -0.25
N GLN A 156 4.32 -17.57 0.50
CA GLN A 156 4.23 -17.93 1.93
C GLN A 156 3.56 -16.80 2.74
N PHE A 157 3.92 -15.56 2.43
CA PHE A 157 3.33 -14.38 3.09
C PHE A 157 1.86 -14.29 2.75
N LEU A 158 1.57 -14.47 1.45
CA LEU A 158 0.18 -14.45 1.00
C LEU A 158 -0.67 -15.45 1.82
N ALA A 159 -0.15 -16.66 1.97
CA ALA A 159 -0.89 -17.71 2.64
C ALA A 159 -1.08 -17.40 4.12
N ALA A 160 -0.04 -16.89 4.75
CA ALA A 160 -0.09 -16.62 6.16
C ALA A 160 -1.04 -15.49 6.51
N VAL A 161 -1.12 -14.47 5.67
CA VAL A 161 -1.97 -13.34 6.02
CA VAL A 161 -1.92 -13.26 5.93
C VAL A 161 -3.38 -13.49 5.49
N SER A 162 -3.54 -14.21 4.39
CA SER A 162 -4.86 -14.58 3.87
CA SER A 162 -4.87 -14.56 3.88
CA SER A 162 -4.89 -14.50 3.92
C SER A 162 -5.62 -15.43 4.88
N ALA A 163 -4.88 -16.18 5.70
CA ALA A 163 -5.53 -17.00 6.76
C ALA A 163 -6.21 -16.13 7.82
N MET A 164 -5.88 -14.86 7.82
CA MET A 164 -6.53 -13.90 8.71
C MET A 164 -7.63 -13.08 8.02
N ASP A 165 -7.88 -13.39 6.73
CA ASP A 165 -8.81 -12.70 5.84
C ASP A 165 -8.31 -11.31 5.40
N CYS A 166 -7.05 -11.01 5.61
CA CYS A 166 -6.45 -9.76 5.06
C CYS A 166 -6.34 -9.95 3.55
N LYS A 167 -6.34 -8.86 2.82
CA LYS A 167 -6.13 -8.86 1.38
C LYS A 167 -4.69 -8.51 1.07
N VAL A 168 -4.10 -9.25 0.18
CA VAL A 168 -2.78 -8.97 -0.33
C VAL A 168 -2.85 -8.70 -1.82
N GLY A 169 -2.28 -7.58 -2.22
CA GLY A 169 -2.25 -7.24 -3.63
C GLY A 169 -0.97 -6.59 -4.12
N LEU A 170 -0.95 -6.31 -5.41
CA LEU A 170 0.22 -5.85 -6.11
C LEU A 170 0.08 -4.43 -6.63
N GLU A 171 1.06 -3.56 -6.34
CA GLU A 171 1.08 -2.23 -6.95
C GLU A 171 2.14 -2.22 -8.03
N GLN A 172 2.11 -1.18 -8.83
CA GLN A 172 2.93 -1.04 -10.04
C GLN A 172 2.78 -2.28 -10.93
N PHE A 173 1.56 -2.72 -11.10
CA PHE A 173 1.28 -3.89 -11.89
C PHE A 173 1.33 -3.57 -13.38
N GLY A 174 2.03 -4.42 -14.15
CA GLY A 174 2.30 -4.15 -15.57
C GLY A 174 1.43 -4.95 -16.50
N SER A 175 1.53 -4.70 -17.80
CA SER A 175 0.58 -5.35 -18.73
C SER A 175 1.20 -6.42 -19.63
N GLY A 176 2.45 -6.80 -19.34
CA GLY A 176 3.16 -7.82 -20.11
C GLY A 176 2.72 -9.26 -19.84
N LEU A 177 3.19 -10.17 -20.68
CA LEU A 177 2.90 -11.58 -20.51
C LEU A 177 3.57 -12.19 -19.26
N ASP A 178 4.64 -11.57 -18.79
CA ASP A 178 5.23 -11.91 -17.50
C ASP A 178 4.23 -11.73 -16.35
N SER A 179 3.40 -10.69 -16.43
CA SER A 179 2.35 -10.47 -15.40
C SER A 179 1.25 -11.54 -15.46
N PHE A 180 0.85 -11.91 -16.66
CA PHE A 180 -0.15 -12.95 -16.80
C PHE A 180 0.39 -14.26 -16.22
N GLN A 181 1.66 -14.54 -16.47
CA GLN A 181 2.27 -15.76 -15.95
C GLN A 181 2.29 -15.72 -14.43
N LEU A 182 2.65 -14.56 -13.89
CA LEU A 182 2.71 -14.43 -12.42
C LEU A 182 1.36 -14.74 -11.80
N LEU A 183 0.28 -14.27 -12.40
CA LEU A 183 -1.05 -14.48 -11.86
C LEU A 183 -1.46 -15.96 -11.83
N ALA A 184 -0.85 -16.79 -12.66
CA ALA A 184 -1.07 -18.25 -12.58
C ALA A 184 -0.46 -18.89 -11.33
N HIS A 185 0.47 -18.19 -10.70
CA HIS A 185 1.24 -18.72 -9.56
C HIS A 185 1.09 -17.93 -8.28
N PHE A 186 0.44 -16.75 -8.37
CA PHE A 186 0.29 -15.86 -7.23
C PHE A 186 -1.07 -15.19 -7.43
N HIS A 187 -2.03 -15.47 -6.58
CA HIS A 187 -3.38 -14.98 -6.73
C HIS A 187 -3.63 -13.86 -5.73
N PRO A 188 -3.46 -12.64 -6.19
CA PRO A 188 -3.68 -11.47 -5.34
C PRO A 188 -5.16 -11.13 -5.24
N ALA A 189 -5.52 -10.39 -4.20
CA ALA A 189 -6.88 -9.90 -4.00
C ALA A 189 -7.15 -8.68 -4.85
N PHE A 190 -6.09 -7.93 -5.16
CA PHE A 190 -6.19 -6.75 -5.98
C PHE A 190 -4.92 -6.46 -6.71
N LEU A 191 -5.05 -5.64 -7.74
CA LEU A 191 -3.96 -5.18 -8.59
CA LEU A 191 -3.89 -5.12 -8.42
C LEU A 191 -4.09 -3.66 -8.76
N LYS A 192 -3.01 -2.92 -8.55
CA LYS A 192 -2.96 -1.51 -8.85
C LYS A 192 -2.01 -1.31 -10.03
N LEU A 193 -2.60 -0.76 -11.08
CA LEU A 193 -1.94 -0.56 -12.36
CA LEU A 193 -1.89 -0.62 -12.35
C LEU A 193 -0.76 0.38 -12.22
N ASP A 194 0.33 0.08 -12.88
CA ASP A 194 1.45 1.02 -12.90
C ASP A 194 1.04 2.29 -13.61
N ARG A 195 1.57 3.40 -13.11
CA ARG A 195 1.27 4.70 -13.67
C ARG A 195 1.69 4.83 -15.13
N GLY A 196 2.70 4.08 -15.51
CA GLY A 196 3.12 4.03 -16.93
C GLY A 196 2.03 3.66 -17.92
N ILE A 197 1.07 2.84 -17.48
CA ILE A 197 -0.10 2.39 -18.28
C ILE A 197 -1.21 3.43 -18.22
N THR A 198 -1.39 4.05 -17.06
CA THR A 198 -2.60 4.84 -16.80
C THR A 198 -2.48 6.36 -17.01
N GLY A 199 -1.25 6.87 -17.00
CA GLY A 199 -0.99 8.31 -17.16
C GLY A 199 -1.84 9.00 -18.23
N ASP A 200 -1.82 8.45 -19.45
CA ASP A 200 -2.52 9.08 -20.58
C ASP A 200 -3.80 8.34 -21.02
N ILE A 201 -4.47 7.67 -20.10
CA ILE A 201 -5.67 6.90 -20.44
C ILE A 201 -6.73 7.74 -21.18
N ALA A 202 -6.83 9.02 -20.84
CA ALA A 202 -7.85 9.91 -21.40
C ALA A 202 -7.60 10.26 -22.88
N SER A 203 -6.35 10.16 -23.32
CA SER A 203 -5.93 10.64 -24.65
C SER A 203 -5.20 9.61 -25.52
N ALA A 204 -5.12 8.35 -25.10
CA ALA A 204 -4.32 7.32 -25.78
C ALA A 204 -5.02 5.95 -25.85
N ARG A 205 -5.04 5.36 -27.04
CA ARG A 205 -5.80 4.12 -27.29
C ARG A 205 -5.08 2.87 -26.82
N ASP A 206 -3.75 2.87 -26.96
CA ASP A 206 -2.97 1.72 -26.53
C ASP A 206 -2.98 1.53 -25.00
N SER A 207 -3.07 2.64 -24.25
CA SER A 207 -3.23 2.59 -22.80
C SER A 207 -4.61 2.03 -22.47
N GLN A 208 -5.63 2.57 -23.11
CA GLN A 208 -7.00 2.06 -22.94
C GLN A 208 -7.06 0.53 -23.18
N GLU A 209 -6.32 0.02 -24.17
CA GLU A 209 -6.29 -1.43 -24.41
C GLU A 209 -5.50 -2.27 -23.41
N LYS A 210 -4.37 -1.77 -22.88
CA LYS A 210 -3.63 -2.48 -21.83
C LYS A 210 -4.51 -2.65 -20.61
N ILE A 211 -5.23 -1.58 -20.27
CA ILE A 211 -6.11 -1.60 -19.11
C ILE A 211 -7.23 -2.62 -19.29
N ARG A 212 -7.88 -2.62 -20.46
CA ARG A 212 -8.93 -3.60 -20.76
CA ARG A 212 -8.94 -3.60 -20.77
C ARG A 212 -8.44 -5.04 -20.74
N GLU A 213 -7.22 -5.29 -21.25
CA GLU A 213 -6.64 -6.63 -21.15
C GLU A 213 -6.49 -7.09 -19.71
N ILE A 214 -6.21 -6.13 -18.82
CA ILE A 214 -6.06 -6.49 -17.41
C ILE A 214 -7.43 -6.67 -16.74
N THR A 215 -8.34 -5.73 -16.92
CA THR A 215 -9.66 -5.80 -16.26
C THR A 215 -10.49 -7.02 -16.74
N SER A 216 -10.39 -7.35 -18.02
CA SER A 216 -11.16 -8.46 -18.58
C SER A 216 -10.69 -9.82 -18.06
N ARG A 217 -9.43 -9.90 -17.64
CA ARG A 217 -8.89 -11.06 -16.93
C ARG A 217 -9.12 -11.02 -15.41
N ALA A 218 -8.98 -9.82 -14.84
CA ALA A 218 -9.11 -9.68 -13.40
C ALA A 218 -10.54 -9.96 -12.92
N GLN A 219 -11.50 -9.36 -13.61
CA GLN A 219 -12.91 -9.43 -13.19
C GLN A 219 -13.39 -10.86 -13.02
N PRO A 220 -13.26 -11.72 -14.04
CA PRO A 220 -13.71 -13.09 -13.81
C PRO A 220 -12.89 -13.90 -12.81
N ALA A 221 -11.64 -13.47 -12.54
CA ALA A 221 -10.78 -14.12 -11.54
C ALA A 221 -11.07 -13.63 -10.11
N GLY A 222 -11.97 -12.65 -9.97
CA GLY A 222 -12.26 -12.08 -8.66
C GLY A 222 -11.14 -11.19 -8.10
N ILE A 223 -10.40 -10.55 -8.98
CA ILE A 223 -9.29 -9.69 -8.60
C ILE A 223 -9.77 -8.27 -8.81
N LEU A 224 -9.69 -7.48 -7.77
CA LEU A 224 -10.04 -6.04 -7.86
C LEU A 224 -8.96 -5.28 -8.59
N THR A 225 -9.35 -4.32 -9.41
CA THR A 225 -8.36 -3.51 -10.11
C THR A 225 -8.44 -2.06 -9.62
N MET A 226 -7.30 -1.39 -9.66
CA MET A 226 -7.13 -0.06 -9.08
C MET A 226 -6.20 0.78 -9.94
N ALA A 227 -6.51 2.08 -10.05
CA ALA A 227 -5.65 3.05 -10.72
C ALA A 227 -5.28 4.15 -9.73
N GLU A 228 -4.11 4.71 -9.91
CA GLU A 228 -3.66 5.81 -9.04
C GLU A 228 -3.15 7.00 -9.83
N PHE A 229 -2.81 8.06 -9.10
CA PHE A 229 -2.40 9.36 -9.67
C PHE A 229 -3.41 9.90 -10.66
N VAL A 230 -4.70 9.68 -10.38
CA VAL A 230 -5.74 10.26 -11.22
CA VAL A 230 -5.78 10.26 -11.21
C VAL A 230 -5.80 11.78 -10.96
N ALA A 231 -5.62 12.55 -12.02
CA ALA A 231 -5.40 13.99 -11.93
C ALA A 231 -6.54 14.82 -12.50
N ASP A 232 -7.46 14.18 -13.19
CA ASP A 232 -8.54 14.95 -13.81
C ASP A 232 -9.76 14.14 -14.11
N ALA A 233 -10.84 14.84 -14.48
CA ALA A 233 -12.14 14.21 -14.66
C ALA A 233 -12.17 13.29 -15.88
N GLN A 234 -11.40 13.64 -16.90
CA GLN A 234 -11.35 12.85 -18.15
C GLN A 234 -10.64 11.54 -17.93
N SER A 235 -9.63 11.59 -17.08
CA SER A 235 -8.97 10.37 -16.67
C SER A 235 -9.90 9.53 -15.81
N MET A 236 -10.51 10.13 -14.78
CA MET A 236 -11.47 9.42 -13.93
CA MET A 236 -11.51 9.47 -13.92
C MET A 236 -12.55 8.75 -14.76
N SER A 237 -13.11 9.49 -15.72
CA SER A 237 -14.20 9.00 -16.55
C SER A 237 -13.80 7.79 -17.37
N SER A 238 -12.56 7.77 -17.84
CA SER A 238 -12.01 6.71 -18.70
C SER A 238 -11.63 5.37 -17.97
N PHE A 239 -11.25 5.48 -16.71
CA PHE A 239 -10.99 4.29 -15.91
C PHE A 239 -12.30 3.50 -15.71
N PHE A 240 -13.37 4.25 -15.45
CA PHE A 240 -14.71 3.70 -15.28
C PHE A 240 -15.16 2.86 -16.49
N SER A 241 -15.00 3.44 -17.69
CA SER A 241 -15.30 2.75 -18.94
C SER A 241 -14.57 1.42 -19.14
N ALA A 242 -13.28 1.45 -18.78
CA ALA A 242 -12.39 0.32 -18.91
C ALA A 242 -12.66 -0.74 -17.83
N GLY A 243 -13.52 -0.44 -16.86
CA GLY A 243 -13.93 -1.40 -15.83
C GLY A 243 -13.08 -1.46 -14.57
N VAL A 244 -12.27 -0.45 -14.35
CA VAL A 244 -11.43 -0.37 -13.17
C VAL A 244 -12.31 -0.25 -11.92
N ASP A 245 -11.99 -0.99 -10.85
CA ASP A 245 -12.79 -0.94 -9.61
C ASP A 245 -12.58 0.29 -8.74
N TYR A 246 -11.33 0.75 -8.58
CA TYR A 246 -11.00 1.84 -7.65
C TYR A 246 -10.03 2.83 -8.27
N VAL A 247 -10.11 4.06 -7.77
CA VAL A 247 -9.23 5.13 -8.20
CA VAL A 247 -9.20 5.10 -8.20
C VAL A 247 -8.82 5.97 -7.01
N GLN A 248 -7.62 6.53 -7.11
CA GLN A 248 -7.08 7.47 -6.11
C GLN A 248 -6.20 8.46 -6.87
N GLY A 249 -5.95 9.58 -6.21
CA GLY A 249 -5.14 10.64 -6.76
C GLY A 249 -5.60 11.96 -6.27
N ASP A 250 -4.79 12.99 -6.49
CA ASP A 250 -5.14 14.31 -5.96
C ASP A 250 -6.47 14.84 -6.51
N PHE A 251 -6.85 14.45 -7.71
CA PHE A 251 -8.20 14.82 -8.19
C PHE A 251 -9.36 14.19 -7.41
N VAL A 252 -9.17 12.98 -6.90
CA VAL A 252 -10.09 12.42 -5.88
C VAL A 252 -9.98 13.14 -4.52
N ALA A 253 -8.81 13.05 -3.93
CA ALA A 253 -8.40 13.79 -2.72
C ALA A 253 -6.92 13.52 -2.48
N PRO A 254 -6.17 14.53 -1.95
CA PRO A 254 -4.76 14.50 -1.61
C PRO A 254 -4.60 13.74 -0.31
N THR A 255 -3.39 13.21 -0.07
CA THR A 255 -2.99 12.76 1.26
C THR A 255 -3.21 13.89 2.34
N GLY A 256 -3.73 13.49 3.51
CA GLY A 256 -3.89 14.38 4.67
C GLY A 256 -4.03 13.65 6.00
N PRO A 257 -3.99 14.39 7.13
CA PRO A 257 -3.98 13.68 8.38
C PRO A 257 -5.27 13.11 8.86
N LEU A 258 -6.40 13.59 8.32
CA LEU A 258 -7.69 13.22 8.83
C LEU A 258 -8.39 12.24 7.90
N MET A 259 -9.19 11.35 8.47
CA MET A 259 -10.14 10.52 7.69
C MET A 259 -11.51 11.15 7.68
N ASN A 260 -11.65 12.17 6.84
CA ASN A 260 -12.92 12.91 6.76
C ASN A 260 -13.53 12.95 5.38
N TYR A 261 -13.07 12.07 4.49
CA TYR A 261 -13.66 11.96 3.18
C TYR A 261 -15.05 11.36 3.29
N GLU A 262 -15.99 11.93 2.53
CA GLU A 262 -17.37 11.46 2.55
C GLU A 262 -17.55 10.56 1.36
N PHE A 263 -17.56 9.26 1.63
CA PHE A 263 -17.61 8.24 0.59
C PHE A 263 -19.03 8.01 0.10
N GLY A 264 -20.02 8.36 0.92
CA GLY A 264 -21.43 7.99 0.70
C GLY A 264 -21.99 7.18 1.86
P1 C2E B . 4.95 10.75 -0.18
O2P C2E B . 3.80 10.35 0.69
O1P C2E B . 5.93 11.81 0.25
O5' C2E B . 5.70 9.40 -0.55
C5' C2E B . 6.93 9.36 -1.30
C4' C2E B . 7.42 7.95 -1.38
O4' C2E B . 7.65 7.53 0.00
C3' C2E B . 6.47 6.90 -1.92
O3' C2E B . 6.47 6.85 -3.34
C2' C2E B . 7.03 5.66 -1.30
O2' C2E B . 8.24 5.22 -1.97
C1' C2E B . 7.41 6.14 0.09
N9 C2E B . 6.28 5.95 1.07
C8 C2E B . 5.32 6.79 1.39
N7 C2E B . 4.55 6.27 2.36
C5 C2E B . 5.07 5.03 2.63
C6 C2E B . 4.70 4.01 3.51
O6 C2E B . 3.71 4.08 4.26
N1 C2E B . 5.48 2.92 3.48
C2 C2E B . 6.56 2.77 2.71
N2 C2E B . 7.29 1.63 2.76
N3 C2E B . 6.96 3.73 1.83
C4 C2E B . 6.19 4.84 1.81
P11 C2E B . 5.19 7.16 -4.18
O21 C2E B . 5.50 6.76 -5.61
O11 C2E B . 3.94 6.61 -3.52
O5A C2E B . 5.11 8.74 -4.11
C5A C2E B . 4.02 9.45 -4.65
C4A C2E B . 3.80 10.70 -3.83
O4A C2E B . 2.73 11.43 -4.39
C3A C2E B . 3.46 10.45 -2.37
O3A C2E B . 4.38 11.26 -1.61
C2A C2E B . 2.01 10.81 -2.21
O2A C2E B . 1.83 11.63 -1.07
C1A C2E B . 1.65 11.57 -3.46
N91 C2E B . 0.45 11.07 -4.16
C81 C2E B . -0.54 11.79 -4.69
N71 C2E B . -1.46 11.02 -5.35
C51 C2E B . -0.99 9.75 -5.25
C61 C2E B . -1.41 8.48 -5.66
O61 C2E B . -2.54 8.34 -6.35
N11 C2E B . -0.64 7.40 -5.34
C21 C2E B . 0.51 7.52 -4.64
N21 C2E B . 1.16 6.39 -4.40
N31 C2E B . 0.96 8.67 -4.19
C41 C2E B . 0.23 9.80 -4.48
#